data_2I7F
#
_entry.id   2I7F
#
_cell.length_a   62.064
_cell.length_b   62.064
_cell.length_c   238.436
_cell.angle_alpha   90.00
_cell.angle_beta   90.00
_cell.angle_gamma   120.00
#
_symmetry.space_group_name_H-M   'P 65 2 2'
#
loop_
_entity.id
_entity.type
_entity.pdbx_description
1 polymer 'Ferredoxin component of dioxygenase'
2 non-polymer 'SULFATE ION'
3 non-polymer 'FE2/S2 (INORGANIC) CLUSTER'
4 non-polymer 'CITRIC ACID'
5 water water
#
_entity_poly.entity_id   1
_entity_poly.type   'polypeptide(L)'
_entity_poly.pdbx_seq_one_letter_code
;MSNKLRLCQVASVKDGEPVAVYQEKMPALAVYNVDGEVFVTDNLCTHGNAMLTDGYQDGTIIECPFHGGSFDIATGAAKA
FPCQIPIKTYPVTIEDGWVCIDQPKESA
;
_entity_poly.pdbx_strand_id   A,B
#
# COMPACT_ATOMS: atom_id res chain seq x y z
N ASN A 3 -12.35 23.28 7.03
CA ASN A 3 -11.95 23.78 5.69
C ASN A 3 -11.05 22.72 5.05
N LYS A 4 -9.72 22.93 4.99
CA LYS A 4 -8.84 22.08 4.18
C LYS A 4 -7.85 21.21 4.95
N LEU A 5 -7.56 20.06 4.37
CA LEU A 5 -6.62 19.08 4.90
C LEU A 5 -5.46 18.99 3.96
N ARG A 6 -4.23 19.21 4.43
CA ARG A 6 -3.04 18.95 3.61
C ARG A 6 -2.73 17.44 3.50
N LEU A 7 -2.51 16.95 2.27
CA LEU A 7 -2.19 15.54 2.04
C LEU A 7 -0.70 15.29 1.86
N CYS A 8 -0.06 16.10 1.03
CA CYS A 8 1.33 15.90 0.64
C CYS A 8 1.72 17.06 -0.23
N GLN A 9 3.01 17.27 -0.41
CA GLN A 9 3.49 18.33 -1.27
C GLN A 9 3.24 17.95 -2.72
N VAL A 10 2.83 18.91 -3.53
CA VAL A 10 2.64 18.73 -4.97
C VAL A 10 3.93 18.15 -5.61
N ALA A 11 5.07 18.71 -5.23
CA ALA A 11 6.40 18.22 -5.71
C ALA A 11 6.65 16.70 -5.53
N SER A 12 6.00 16.09 -4.54
CA SER A 12 6.15 14.65 -4.24
C SER A 12 5.42 13.73 -5.20
N VAL A 13 4.50 14.28 -5.99
CA VAL A 13 3.65 13.46 -6.84
C VAL A 13 4.08 13.55 -8.30
N LYS A 14 4.81 12.53 -8.76
CA LYS A 14 5.23 12.38 -10.16
C LYS A 14 4.20 11.62 -10.99
N ASP A 15 4.03 12.03 -12.26
CA ASP A 15 3.17 11.33 -13.23
C ASP A 15 3.68 9.94 -13.32
N GLY A 16 2.79 8.97 -13.09
CA GLY A 16 3.12 7.57 -13.20
C GLY A 16 3.44 6.93 -11.89
N GLU A 17 3.59 7.72 -10.82
CA GLU A 17 3.98 7.20 -9.50
C GLU A 17 3.09 7.79 -8.39
N PRO A 18 1.87 7.24 -8.24
CA PRO A 18 0.98 7.76 -7.21
C PRO A 18 1.48 7.56 -5.78
N VAL A 19 0.97 8.42 -4.90
CA VAL A 19 1.47 8.60 -3.55
C VAL A 19 0.34 8.23 -2.60
N ALA A 20 0.64 7.29 -1.69
CA ALA A 20 -0.25 6.91 -0.62
C ALA A 20 -0.16 7.89 0.50
N VAL A 21 -1.29 8.43 0.92
CA VAL A 21 -1.34 9.38 2.00
C VAL A 21 -2.30 8.85 3.01
N TYR A 22 -1.92 8.80 4.28
CA TYR A 22 -2.79 8.31 5.33
C TYR A 22 -3.03 9.45 6.28
N GLN A 23 -4.15 10.12 6.11
CA GLN A 23 -4.44 11.32 6.88
C GLN A 23 -5.44 10.84 7.93
N GLU A 24 -5.23 11.29 9.17
CA GLU A 24 -5.95 10.72 10.29
C GLU A 24 -7.47 10.87 10.23
N LYS A 25 -7.99 11.89 9.57
CA LYS A 25 -9.45 11.99 9.48
C LYS A 25 -10.14 11.00 8.45
N MET A 26 -9.34 10.39 7.57
CA MET A 26 -9.83 9.88 6.33
C MET A 26 -9.54 8.41 6.09
N PRO A 27 -10.30 7.80 5.16
CA PRO A 27 -9.88 6.52 4.62
C PRO A 27 -8.56 6.67 3.91
N ALA A 28 -7.80 5.60 3.77
CA ALA A 28 -6.55 5.68 3.03
C ALA A 28 -6.82 6.42 1.72
N LEU A 29 -5.91 7.32 1.32
CA LEU A 29 -6.05 8.17 0.13
C LEU A 29 -4.91 7.95 -0.84
N ALA A 30 -5.18 8.14 -2.12
CA ALA A 30 -4.23 7.96 -3.19
C ALA A 30 -4.17 9.29 -3.88
N VAL A 31 -2.96 9.79 -4.11
CA VAL A 31 -2.73 11.03 -4.83
C VAL A 31 -1.98 10.75 -6.15
N TYR A 32 -2.50 11.31 -7.26
CA TYR A 32 -2.00 11.09 -8.58
C TYR A 32 -1.68 12.39 -9.31
N ASN A 33 -0.72 12.28 -10.22
CA ASN A 33 -0.40 13.31 -11.19
C ASN A 33 -0.65 12.69 -12.56
N VAL A 34 -1.65 13.20 -13.27
CA VAL A 34 -1.97 12.83 -14.64
C VAL A 34 -1.58 14.02 -15.53
N ASP A 35 -0.51 13.84 -16.30
CA ASP A 35 -0.03 14.87 -17.23
C ASP A 35 0.15 16.25 -16.60
N GLY A 36 0.60 16.30 -15.36
CA GLY A 36 0.88 17.54 -14.70
C GLY A 36 -0.24 18.10 -13.86
N GLU A 37 -1.38 17.41 -13.76
CA GLU A 37 -2.51 17.84 -12.90
C GLU A 37 -2.76 16.75 -11.84
N VAL A 38 -3.22 17.16 -10.66
CA VAL A 38 -3.37 16.30 -9.48
C VAL A 38 -4.85 15.88 -9.22
N PHE A 39 -5.03 14.61 -8.85
CA PHE A 39 -6.31 14.00 -8.54
C PHE A 39 -6.10 13.20 -7.27
N VAL A 40 -7.19 13.05 -6.51
CA VAL A 40 -7.18 12.34 -5.24
C VAL A 40 -8.41 11.39 -5.22
N THR A 41 -8.13 10.11 -4.92
CA THR A 41 -9.13 9.07 -4.75
C THR A 41 -8.91 8.34 -3.42
N ASP A 42 -9.92 7.64 -2.91
CA ASP A 42 -9.65 6.57 -1.96
C ASP A 42 -8.58 5.59 -2.50
N ASN A 43 -7.76 5.06 -1.62
CA ASN A 43 -6.70 4.12 -2.02
C ASN A 43 -7.18 2.63 -2.02
N LEU A 44 -8.08 2.27 -1.11
CA LEU A 44 -8.57 0.91 -1.04
C LEU A 44 -9.45 0.62 -2.29
N CYS A 45 -8.99 -0.32 -3.12
CA CYS A 45 -9.80 -0.87 -4.19
C CYS A 45 -11.20 -1.23 -3.65
N THR A 46 -12.23 -1.00 -4.47
CA THR A 46 -13.62 -1.26 -4.05
C THR A 46 -13.94 -2.73 -4.23
N HIS A 47 -13.06 -3.47 -4.92
CA HIS A 47 -13.28 -4.87 -5.15
C HIS A 47 -12.63 -5.78 -4.11
N GLY A 48 -11.54 -5.33 -3.52
CA GLY A 48 -10.92 -6.12 -2.47
C GLY A 48 -9.88 -5.38 -1.67
N ASN A 49 -9.04 -6.13 -0.97
CA ASN A 49 -8.07 -5.55 -0.06
C ASN A 49 -6.73 -5.39 -0.80
N ALA A 50 -6.66 -4.35 -1.65
CA ALA A 50 -5.46 -3.91 -2.31
C ALA A 50 -5.50 -2.39 -2.31
N MET A 51 -4.32 -1.78 -2.36
CA MET A 51 -4.20 -0.31 -2.48
C MET A 51 -3.87 0.06 -3.90
N LEU A 52 -4.62 1.02 -4.45
CA LEU A 52 -4.41 1.44 -5.81
C LEU A 52 -3.02 2.05 -6.06
N THR A 53 -2.43 2.69 -5.05
CA THR A 53 -1.08 3.27 -5.18
C THR A 53 -0.01 2.17 -5.39
N ASP A 54 -0.32 0.91 -5.05
CA ASP A 54 0.53 -0.26 -5.37
C ASP A 54 0.26 -0.86 -6.77
N GLY A 55 -0.67 -0.31 -7.52
CA GLY A 55 -0.90 -0.77 -8.90
C GLY A 55 -0.17 0.09 -9.87
N TYR A 56 -0.80 0.28 -11.03
CA TYR A 56 -0.11 0.71 -12.25
C TYR A 56 -0.92 1.82 -12.89
N GLN A 57 -0.32 3.01 -12.94
CA GLN A 57 -0.94 4.15 -13.55
C GLN A 57 -0.60 4.16 -15.01
N ASP A 58 -1.63 4.29 -15.83
CA ASP A 58 -1.43 4.43 -17.25
C ASP A 58 -2.24 5.64 -17.69
N GLY A 59 -1.66 6.82 -17.51
CA GLY A 59 -2.32 8.06 -17.86
C GLY A 59 -3.42 8.32 -16.83
N THR A 60 -4.68 8.38 -17.28
CA THR A 60 -5.82 8.59 -16.37
C THR A 60 -6.35 7.28 -15.81
N ILE A 61 -5.76 6.14 -16.14
CA ILE A 61 -6.24 4.88 -15.59
C ILE A 61 -5.30 4.44 -14.46
N ILE A 62 -5.87 4.05 -13.33
CA ILE A 62 -5.08 3.31 -12.33
C ILE A 62 -5.57 1.86 -12.33
N GLU A 63 -4.64 0.93 -12.48
CA GLU A 63 -4.97 -0.50 -12.42
C GLU A 63 -4.61 -1.08 -11.04
N CYS A 64 -5.56 -1.83 -10.48
CA CYS A 64 -5.38 -2.46 -9.21
C CYS A 64 -4.27 -3.53 -9.31
N PRO A 65 -3.47 -3.71 -8.22
CA PRO A 65 -2.50 -4.79 -8.21
C PRO A 65 -3.06 -6.22 -8.30
N PHE A 66 -4.36 -6.40 -8.06
CA PHE A 66 -5.05 -7.68 -8.23
C PHE A 66 -6.04 -7.63 -9.42
N HIS A 67 -6.21 -8.78 -10.05
CA HIS A 67 -7.41 -9.18 -10.85
C HIS A 67 -7.56 -8.47 -12.21
N GLY A 68 -6.71 -7.47 -12.47
CA GLY A 68 -6.82 -6.69 -13.67
C GLY A 68 -7.83 -5.56 -13.60
N GLY A 69 -8.34 -5.28 -12.40
CA GLY A 69 -9.34 -4.27 -12.22
C GLY A 69 -8.72 -2.90 -12.47
N SER A 70 -9.55 -1.92 -12.82
CA SER A 70 -9.08 -0.57 -13.04
C SER A 70 -10.18 0.45 -12.80
N PHE A 71 -9.73 1.68 -12.51
CA PHE A 71 -10.56 2.87 -12.37
C PHE A 71 -10.02 4.03 -13.18
N ASP A 72 -10.93 4.95 -13.50
CA ASP A 72 -10.56 6.24 -14.07
C ASP A 72 -10.20 7.20 -12.92
N ILE A 73 -8.93 7.60 -12.86
CA ILE A 73 -8.42 8.45 -11.77
C ILE A 73 -9.22 9.75 -11.63
N ALA A 74 -9.52 10.35 -12.76
CA ALA A 74 -10.12 11.69 -12.86
C ALA A 74 -11.62 11.67 -12.58
N THR A 75 -12.30 10.55 -12.87
CA THR A 75 -13.75 10.48 -12.76
C THR A 75 -14.25 9.58 -11.64
N GLY A 76 -13.43 8.62 -11.19
CA GLY A 76 -13.84 7.62 -10.22
C GLY A 76 -14.44 6.38 -10.84
N ALA A 77 -14.79 6.43 -12.12
CA ALA A 77 -15.46 5.31 -12.80
C ALA A 77 -14.74 3.99 -12.63
N ALA A 78 -15.48 2.92 -12.32
CA ALA A 78 -14.92 1.57 -12.38
C ALA A 78 -14.88 1.18 -13.85
N LYS A 79 -13.70 0.79 -14.33
CA LYS A 79 -13.53 0.56 -15.75
C LYS A 79 -13.35 -0.93 -16.04
N ALA A 80 -12.16 -1.47 -15.84
CA ALA A 80 -11.90 -2.88 -16.12
C ALA A 80 -12.48 -3.76 -15.02
N PHE A 81 -13.24 -4.76 -15.45
CA PHE A 81 -13.72 -5.82 -14.56
C PHE A 81 -12.51 -6.44 -13.84
N PRO A 82 -12.66 -6.82 -12.56
CA PRO A 82 -13.85 -6.92 -11.74
C PRO A 82 -14.30 -5.70 -10.97
N CYS A 83 -13.64 -4.56 -11.17
CA CYS A 83 -14.10 -3.31 -10.56
C CYS A 83 -15.44 -2.89 -11.14
N GLN A 84 -16.40 -2.66 -10.23
CA GLN A 84 -17.75 -2.24 -10.59
C GLN A 84 -18.28 -1.05 -9.79
N ILE A 85 -17.85 -0.94 -8.53
CA ILE A 85 -18.27 0.14 -7.63
C ILE A 85 -17.30 1.30 -7.83
N PRO A 86 -17.77 2.48 -8.22
CA PRO A 86 -16.82 3.59 -8.45
C PRO A 86 -15.98 3.91 -7.20
N ILE A 87 -14.72 4.28 -7.42
CA ILE A 87 -13.80 4.74 -6.38
C ILE A 87 -14.28 6.15 -5.99
N LYS A 88 -14.20 6.47 -4.70
CA LYS A 88 -14.48 7.82 -4.25
C LYS A 88 -13.36 8.74 -4.70
N THR A 89 -13.75 9.88 -5.27
CA THR A 89 -12.86 10.97 -5.65
C THR A 89 -13.10 12.18 -4.72
N TYR A 90 -12.13 13.07 -4.69
CA TYR A 90 -12.16 14.28 -3.88
C TYR A 90 -11.74 15.47 -4.74
N PRO A 91 -12.44 16.58 -4.63
CA PRO A 91 -12.04 17.85 -5.22
C PRO A 91 -10.79 18.36 -4.53
N VAL A 92 -9.81 18.75 -5.35
CA VAL A 92 -8.45 19.09 -4.96
C VAL A 92 -8.25 20.63 -5.12
N THR A 93 -7.63 21.20 -4.10
CA THR A 93 -7.07 22.54 -4.12
C THR A 93 -5.56 22.43 -3.83
N ILE A 94 -4.73 23.28 -4.42
CA ILE A 94 -3.31 23.44 -4.04
C ILE A 94 -3.18 24.70 -3.21
N GLU A 95 -2.66 24.51 -2.00
CA GLU A 95 -2.51 25.57 -1.03
C GLU A 95 -1.06 25.60 -0.67
N ASP A 96 -0.35 26.60 -1.15
CA ASP A 96 1.02 26.86 -0.77
C ASP A 96 1.91 25.66 -1.00
N GLY A 97 1.82 25.10 -2.19
CA GLY A 97 2.58 23.91 -2.55
C GLY A 97 2.08 22.59 -2.03
N TRP A 98 1.00 22.59 -1.25
CA TRP A 98 0.38 21.33 -0.77
C TRP A 98 -0.86 20.89 -1.56
N VAL A 99 -0.93 19.59 -1.82
CA VAL A 99 -2.16 18.94 -2.27
C VAL A 99 -3.14 18.87 -1.11
N CYS A 100 -4.29 19.55 -1.26
CA CYS A 100 -5.33 19.54 -0.26
C CYS A 100 -6.66 19.08 -0.79
N ILE A 101 -7.47 18.58 0.14
CA ILE A 101 -8.89 18.27 -0.04
C ILE A 101 -9.67 18.91 1.12
N ASP A 102 -10.97 19.01 0.97
CA ASP A 102 -11.81 19.60 1.99
C ASP A 102 -11.95 18.58 3.09
N GLN A 103 -12.01 19.05 4.33
CA GLN A 103 -12.45 18.19 5.45
C GLN A 103 -13.92 17.82 5.16
N PRO A 104 -14.26 16.52 5.07
CA PRO A 104 -15.64 16.20 4.66
C PRO A 104 -16.51 15.81 5.85
N ASN B 3 7.57 -25.68 -6.19
CA ASN B 3 6.21 -25.06 -6.01
C ASN B 3 5.93 -24.26 -4.72
N LYS B 4 6.99 -23.89 -3.98
CA LYS B 4 6.88 -22.71 -3.14
C LYS B 4 6.55 -21.54 -4.05
N LEU B 5 5.99 -20.49 -3.47
CA LEU B 5 5.66 -19.29 -4.20
C LEU B 5 6.87 -18.38 -4.20
N ARG B 6 7.28 -17.94 -5.40
CA ARG B 6 8.36 -16.99 -5.59
C ARG B 6 7.80 -15.58 -5.48
N LEU B 7 8.28 -14.84 -4.48
CA LEU B 7 7.73 -13.54 -4.21
C LEU B 7 8.58 -12.42 -4.87
N CYS B 8 9.87 -12.44 -4.57
CA CYS B 8 10.74 -11.36 -5.02
C CYS B 8 12.16 -11.76 -4.81
N GLN B 9 13.08 -11.17 -5.58
CA GLN B 9 14.48 -11.36 -5.28
C GLN B 9 14.86 -10.78 -3.91
N VAL B 10 15.80 -11.44 -3.24
CA VAL B 10 16.44 -10.89 -2.01
C VAL B 10 16.98 -9.46 -2.24
N ALA B 11 17.53 -9.23 -3.43
CA ALA B 11 18.07 -7.92 -3.87
C ALA B 11 17.07 -6.79 -3.93
N SER B 12 15.79 -7.13 -4.06
CA SER B 12 14.68 -6.20 -4.05
C SER B 12 14.32 -5.72 -2.69
N VAL B 13 14.73 -6.42 -1.64
CA VAL B 13 14.38 -6.02 -0.30
C VAL B 13 15.53 -5.37 0.50
N LYS B 14 15.37 -4.06 0.72
CA LYS B 14 16.23 -3.27 1.58
C LYS B 14 15.60 -2.99 2.95
N ASP B 15 16.45 -3.02 3.97
CA ASP B 15 16.09 -2.70 5.33
C ASP B 15 15.72 -1.22 5.33
N GLY B 16 14.49 -0.91 5.71
CA GLY B 16 13.94 0.43 5.61
C GLY B 16 12.84 0.54 4.55
N GLU B 17 12.79 -0.40 3.61
CA GLU B 17 11.94 -0.29 2.42
C GLU B 17 11.29 -1.62 2.12
N PRO B 18 10.35 -2.02 3.00
CA PRO B 18 9.63 -3.29 2.80
C PRO B 18 8.84 -3.31 1.48
N VAL B 19 8.71 -4.51 0.88
CA VAL B 19 8.13 -4.70 -0.46
C VAL B 19 6.70 -5.30 -0.43
N ALA B 20 5.75 -4.59 -1.05
CA ALA B 20 4.36 -5.03 -1.20
C ALA B 20 4.32 -5.97 -2.33
N VAL B 21 4.06 -7.25 -2.00
CA VAL B 21 3.92 -8.30 -2.99
C VAL B 21 2.47 -8.78 -3.00
N TYR B 22 1.84 -8.60 -4.14
CA TYR B 22 0.46 -9.08 -4.35
C TYR B 22 0.55 -10.36 -5.12
N GLN B 23 0.68 -11.42 -4.33
CA GLN B 23 0.74 -12.82 -4.78
C GLN B 23 -0.65 -13.32 -5.11
N GLU B 24 -0.76 -13.95 -6.26
CA GLU B 24 -2.03 -14.30 -6.87
C GLU B 24 -3.17 -14.93 -6.08
N LYS B 25 -2.97 -15.88 -5.19
CA LYS B 25 -4.18 -16.39 -4.47
C LYS B 25 -3.99 -16.31 -2.95
N MET B 26 -3.37 -15.21 -2.53
CA MET B 26 -3.05 -14.95 -1.15
C MET B 26 -3.50 -13.53 -0.80
N PRO B 27 -3.63 -13.27 0.51
CA PRO B 27 -3.80 -11.90 0.99
C PRO B 27 -2.53 -11.10 0.67
N ALA B 28 -2.70 -9.80 0.43
CA ALA B 28 -1.55 -8.88 0.27
C ALA B 28 -0.42 -9.25 1.26
N LEU B 29 0.82 -9.34 0.74
CA LEU B 29 2.00 -9.73 1.51
C LEU B 29 2.94 -8.56 1.64
N ALA B 30 3.71 -8.57 2.73
CA ALA B 30 4.79 -7.62 2.96
C ALA B 30 6.09 -8.41 3.13
N VAL B 31 7.18 -7.97 2.48
CA VAL B 31 8.48 -8.65 2.59
C VAL B 31 9.47 -7.67 3.17
N TYR B 32 10.20 -8.11 4.17
CA TYR B 32 11.10 -7.23 4.89
C TYR B 32 12.51 -7.76 5.01
N ASN B 33 13.43 -6.83 5.21
CA ASN B 33 14.84 -7.09 5.49
C ASN B 33 15.13 -6.45 6.83
N VAL B 34 15.56 -7.27 7.80
CA VAL B 34 15.98 -6.77 9.11
C VAL B 34 17.42 -7.22 9.30
N ASP B 35 18.36 -6.31 9.04
CA ASP B 35 19.79 -6.60 9.17
C ASP B 35 20.17 -7.87 8.39
N GLY B 36 19.65 -7.97 7.18
CA GLY B 36 19.99 -9.09 6.28
C GLY B 36 19.08 -10.27 6.37
N GLU B 37 18.23 -10.34 7.40
CA GLU B 37 17.32 -11.45 7.60
C GLU B 37 16.01 -11.06 6.95
N VAL B 38 15.43 -11.97 6.16
CA VAL B 38 14.15 -11.75 5.42
C VAL B 38 12.94 -12.37 6.09
N PHE B 39 11.85 -11.58 6.17
CA PHE B 39 10.60 -11.98 6.81
C PHE B 39 9.47 -11.69 5.89
N VAL B 40 8.38 -12.47 6.01
CA VAL B 40 7.17 -12.24 5.25
C VAL B 40 5.99 -12.22 6.20
N THR B 41 5.19 -11.16 6.12
CA THR B 41 3.92 -11.08 6.81
C THR B 41 2.76 -10.74 5.85
N ASP B 42 1.55 -10.75 6.37
CA ASP B 42 0.40 -10.16 5.69
C ASP B 42 0.68 -8.66 5.73
N ASN B 43 0.24 -7.93 4.71
CA ASN B 43 0.42 -6.47 4.60
C ASN B 43 -0.73 -5.67 5.19
N LEU B 44 -1.97 -6.21 5.18
CA LEU B 44 -3.08 -5.52 5.78
C LEU B 44 -2.99 -5.53 7.31
N CYS B 45 -3.00 -4.34 7.88
CA CYS B 45 -2.94 -4.14 9.30
C CYS B 45 -4.19 -4.76 9.88
N THR B 46 -4.06 -5.37 11.04
CA THR B 46 -5.14 -6.08 11.63
C THR B 46 -6.13 -5.12 12.31
N HIS B 47 -5.75 -3.84 12.44
CA HIS B 47 -6.60 -2.86 13.11
C HIS B 47 -7.45 -2.05 12.12
N GLY B 48 -7.05 -2.01 10.88
CA GLY B 48 -7.80 -1.26 9.88
C GLY B 48 -7.25 -1.37 8.48
N ASN B 49 -7.76 -0.51 7.62
CA ASN B 49 -7.51 -0.61 6.20
C ASN B 49 -6.30 0.21 5.82
N ALA B 50 -5.14 -0.31 6.22
CA ALA B 50 -3.84 0.24 5.86
C ALA B 50 -2.90 -0.89 5.46
N MET B 51 -1.92 -0.59 4.60
CA MET B 51 -0.89 -1.56 4.29
C MET B 51 0.37 -1.22 5.07
N LEU B 52 1.03 -2.23 5.62
CA LEU B 52 2.17 -2.00 6.48
C LEU B 52 3.38 -1.51 5.69
N THR B 53 3.47 -1.89 4.40
CA THR B 53 4.54 -1.41 3.52
C THR B 53 4.50 0.10 3.24
N ASP B 54 3.38 0.74 3.54
CA ASP B 54 3.28 2.18 3.44
C ASP B 54 3.68 2.87 4.74
N GLY B 55 3.94 2.11 5.78
CA GLY B 55 4.36 2.65 7.07
C GLY B 55 5.85 2.82 7.18
N TYR B 56 6.36 2.61 8.41
CA TYR B 56 7.72 2.98 8.81
C TYR B 56 8.36 1.81 9.51
N GLN B 57 9.39 1.25 8.90
CA GLN B 57 10.18 0.15 9.49
C GLN B 57 11.27 0.71 10.40
N ASP B 58 11.33 0.19 11.64
CA ASP B 58 12.39 0.53 12.59
C ASP B 58 12.95 -0.78 13.09
N GLY B 59 13.95 -1.29 12.36
CA GLY B 59 14.53 -2.56 12.69
C GLY B 59 13.54 -3.71 12.59
N THR B 60 13.30 -4.33 13.75
CA THR B 60 12.38 -5.45 13.87
C THR B 60 10.91 -5.02 13.96
N ILE B 61 10.64 -3.72 14.06
CA ILE B 61 9.28 -3.21 14.20
C ILE B 61 8.80 -2.61 12.88
N ILE B 62 7.56 -2.91 12.50
CA ILE B 62 6.90 -2.16 11.43
C ILE B 62 5.76 -1.37 11.99
N GLU B 63 5.84 -0.05 11.86
CA GLU B 63 4.76 0.84 12.27
C GLU B 63 3.76 1.07 11.13
N CYS B 64 2.48 0.87 11.44
CA CYS B 64 1.39 1.18 10.54
C CYS B 64 1.38 2.67 10.18
N PRO B 65 1.06 2.99 8.90
CA PRO B 65 0.89 4.39 8.53
C PRO B 65 -0.30 5.15 9.20
N PHE B 66 -1.23 4.43 9.86
CA PHE B 66 -2.25 5.01 10.75
C PHE B 66 -2.00 4.71 12.20
N HIS B 67 -2.53 5.58 13.02
CA HIS B 67 -2.71 5.39 14.47
C HIS B 67 -1.46 5.22 15.31
N GLY B 68 -0.28 5.15 14.69
CA GLY B 68 0.96 4.85 15.45
C GLY B 68 1.03 3.40 15.93
N GLY B 69 0.22 2.51 15.36
CA GLY B 69 0.27 1.10 15.74
C GLY B 69 1.47 0.42 15.16
N SER B 70 1.90 -0.70 15.76
CA SER B 70 3.06 -1.43 15.23
C SER B 70 3.01 -2.92 15.49
N PHE B 71 3.84 -3.66 14.73
CA PHE B 71 3.98 -5.08 14.88
C PHE B 71 5.46 -5.46 14.94
N ASP B 72 5.71 -6.55 15.64
CA ASP B 72 6.96 -7.25 15.45
C ASP B 72 6.93 -8.06 14.12
N ILE B 73 7.93 -7.78 13.28
CA ILE B 73 8.06 -8.35 11.95
C ILE B 73 8.33 -9.85 11.97
N ALA B 74 9.17 -10.32 12.89
CA ALA B 74 9.61 -11.73 12.94
C ALA B 74 8.52 -12.66 13.51
N THR B 75 7.84 -12.17 14.54
CA THR B 75 6.80 -12.93 15.24
C THR B 75 5.38 -12.54 14.82
N GLY B 76 5.19 -11.32 14.33
CA GLY B 76 3.87 -10.81 14.03
C GLY B 76 3.10 -10.25 15.20
N ALA B 77 3.68 -10.35 16.39
CA ALA B 77 3.04 -9.84 17.60
C ALA B 77 2.70 -8.35 17.48
N ALA B 78 1.54 -7.95 17.99
CA ALA B 78 1.20 -6.52 18.11
C ALA B 78 2.15 -5.88 19.13
N LYS B 79 2.66 -4.67 18.82
CA LYS B 79 3.51 -3.91 19.71
C LYS B 79 2.82 -2.63 20.21
N ALA B 80 2.97 -1.53 19.47
CA ALA B 80 2.27 -0.30 19.77
C ALA B 80 0.76 -0.43 19.57
N PHE B 81 0.06 0.14 20.51
CA PHE B 81 -1.37 0.31 20.39
C PHE B 81 -1.64 1.26 19.17
N PRO B 82 -2.81 1.14 18.51
CA PRO B 82 -3.96 0.30 18.86
C PRO B 82 -3.92 -1.17 18.43
N CYS B 83 -2.80 -1.65 17.90
CA CYS B 83 -2.73 -3.02 17.43
C CYS B 83 -2.87 -4.04 18.58
N GLN B 84 -3.60 -5.12 18.31
CA GLN B 84 -3.82 -6.18 19.27
C GLN B 84 -3.69 -7.57 18.63
N ILE B 85 -4.38 -7.75 17.51
CA ILE B 85 -4.38 -9.01 16.81
C ILE B 85 -3.07 -9.09 16.04
N PRO B 86 -2.33 -10.19 16.15
CA PRO B 86 -1.08 -10.36 15.45
C PRO B 86 -1.25 -10.43 13.93
N ILE B 87 -0.31 -9.87 13.20
CA ILE B 87 -0.32 -10.08 11.75
C ILE B 87 0.23 -11.49 11.48
N LYS B 88 -0.31 -12.13 10.44
CA LYS B 88 0.14 -13.46 10.02
C LYS B 88 1.56 -13.37 9.48
N THR B 89 2.38 -14.35 9.84
CA THR B 89 3.76 -14.46 9.40
C THR B 89 3.90 -15.74 8.59
N TYR B 90 4.87 -15.77 7.69
CA TYR B 90 5.13 -16.95 6.86
C TYR B 90 6.64 -17.31 6.85
N PRO B 91 6.99 -18.59 7.10
CA PRO B 91 8.39 -19.03 7.02
C PRO B 91 8.99 -18.81 5.63
N VAL B 92 10.18 -18.21 5.60
CA VAL B 92 10.89 -17.87 4.37
C VAL B 92 11.86 -18.97 4.01
N THR B 93 11.82 -19.34 2.72
CA THR B 93 12.79 -20.19 2.04
C THR B 93 13.45 -19.28 0.98
N ILE B 94 14.75 -19.38 0.78
CA ILE B 94 15.42 -18.63 -0.28
C ILE B 94 16.01 -19.63 -1.26
N GLU B 95 15.74 -19.43 -2.55
CA GLU B 95 16.18 -20.35 -3.60
C GLU B 95 16.75 -19.47 -4.70
N ASP B 96 18.00 -19.72 -5.07
CA ASP B 96 18.72 -18.95 -6.09
CA ASP B 96 18.76 -18.93 -6.07
C ASP B 96 18.45 -17.44 -6.03
N GLY B 97 18.56 -16.86 -4.84
CA GLY B 97 18.41 -15.44 -4.65
C GLY B 97 16.97 -14.91 -4.52
N TRP B 98 15.99 -15.83 -4.49
CA TRP B 98 14.57 -15.48 -4.44
C TRP B 98 13.94 -15.80 -3.10
N VAL B 99 13.16 -14.86 -2.61
CA VAL B 99 12.35 -15.03 -1.43
C VAL B 99 11.11 -15.84 -1.79
N CYS B 100 10.98 -16.99 -1.15
CA CYS B 100 9.88 -17.94 -1.39
C CYS B 100 9.12 -18.26 -0.10
N ILE B 101 7.82 -18.57 -0.21
CA ILE B 101 7.03 -19.00 0.95
C ILE B 101 6.29 -20.26 0.54
N ASP B 102 5.71 -20.97 1.49
CA ASP B 102 5.01 -22.22 1.18
C ASP B 102 3.66 -21.92 0.51
N GLN B 103 3.39 -22.73 -0.50
CA GLN B 103 2.07 -22.87 -1.10
C GLN B 103 1.02 -23.09 0.00
N PRO B 104 -0.04 -22.26 0.05
CA PRO B 104 -1.08 -22.39 1.11
C PRO B 104 -1.83 -23.71 1.08
#